data_4NF4
#
_entry.id   4NF4
#
_cell.length_a   54.257
_cell.length_b   87.488
_cell.length_c   136.156
_cell.angle_alpha   90.00
_cell.angle_beta   90.00
_cell.angle_gamma   90.00
#
_symmetry.space_group_name_H-M   'P 21 21 21'
#
loop_
_entity.id
_entity.type
_entity.pdbx_description
1 polymer 'Glutamate receptor ionotropic, NMDA 1'
2 polymer 'Glutamate receptor ionotropic, NMDA 2A'
3 non-polymer '4-hydroxy-5,7-dimethylquinoline-2-carboxylic acid'
4 non-polymer 'GLUTAMIC ACID'
5 water water
#
loop_
_entity_poly.entity_id
_entity_poly.type
_entity_poly.pdbx_seq_one_letter_code
_entity_poly.pdbx_strand_id
1 'polypeptide(L)'
;GMSTRLKIVTIHQEPFVYVKPTMSDGTCKEEFTVNGDPVKKVICTGPNDTSPGSPRHTVPQCCYGFCIDLLIKLARTMNF
TYEVHLVADGKFGTQERVNNSNKKEWNGMMGELLSGQADMIVAPLTINNERAQYIEFSKPFKYQGLTILVKKGTRITGIN
DPRLRNPSDKFIYATVKQSSVDIYFRRQVELSTMYRHMEKHNYESAAEAIQAVRDNKLHAFIWDSAVLEFEASQKCDLVT
TGELFFRSGFGIGMRKDSPWKQNVSLSILKSHENGFMEDLDKTWVRYQECDS
;
A
2 'polypeptide(L)'
;SDDNHLSIVTLEEAPFVIVEDIDPLTETCVRNTVPCRKFVKINNSTNEGMNVKKCCKGFCIDILKKLSRTVKFTYDLYLV
TNGKHGKKVNNVWNGMIGEVVYQRAVMAVGSLTINEERSEVVDFSVPFVETGISVMVSRGTQVTGLSDKKFQRPHDYSPP
FRFGTVPNGSTERNIRNNYPYMHQYMTRFNQRGVEDALVSLKTGKLDAFIYDAAVLNYKAGRDEGCKLVTIGSGYIFATT
GYGIALQKGSPWKRQIDLALLQFVGDGEMEELETLWLTGICHN
;
B
#
loop_
_chem_comp.id
_chem_comp.type
_chem_comp.name
_chem_comp.formula
2JK non-polymer '4-hydroxy-5,7-dimethylquinoline-2-carboxylic acid' 'C12 H11 N O3'
#
# COMPACT_ATOMS: atom_id res chain seq x y z
N THR A 4 33.49 -3.81 -1.25
CA THR A 4 32.30 -3.02 -1.59
C THR A 4 31.00 -3.84 -1.53
N ARG A 5 31.02 -4.90 -0.71
CA ARG A 5 29.79 -5.59 -0.35
C ARG A 5 28.92 -4.67 0.50
N LEU A 6 27.67 -4.47 0.09
CA LEU A 6 26.72 -3.73 0.92
C LEU A 6 26.44 -4.54 2.18
N LYS A 7 26.50 -3.88 3.34
CA LYS A 7 26.18 -4.56 4.59
C LYS A 7 24.67 -4.52 4.82
N ILE A 8 24.03 -5.68 4.75
CA ILE A 8 22.58 -5.75 4.91
C ILE A 8 22.24 -6.12 6.33
N VAL A 9 21.39 -5.33 6.99
CA VAL A 9 20.89 -5.75 8.31
C VAL A 9 19.46 -6.23 8.22
N THR A 10 19.16 -7.31 8.93
CA THR A 10 17.81 -7.84 8.98
C THR A 10 17.46 -8.28 10.40
N ILE A 11 16.31 -8.92 10.55
CA ILE A 11 15.79 -9.24 11.88
C ILE A 11 14.97 -10.51 11.74
N HIS A 12 14.90 -11.30 12.80
CA HIS A 12 14.10 -12.51 12.75
C HIS A 12 12.63 -12.11 12.88
N GLN A 13 11.86 -12.27 11.80
CA GLN A 13 10.42 -11.97 11.83
C GLN A 13 9.72 -12.75 10.75
N GLU A 14 9.15 -13.90 11.11
CA GLU A 14 8.47 -14.76 10.16
C GLU A 14 7.13 -14.13 9.74
N PRO A 15 6.72 -14.31 8.48
CA PRO A 15 7.34 -15.11 7.41
C PRO A 15 8.31 -14.32 6.51
N PHE A 16 8.65 -13.10 6.90
CA PHE A 16 9.56 -12.29 6.09
C PHE A 16 10.99 -12.79 6.17
N VAL A 17 11.45 -13.04 7.38
CA VAL A 17 12.78 -13.59 7.61
C VAL A 17 12.74 -14.71 8.65
N TYR A 18 12.95 -15.94 8.21
CA TYR A 18 13.17 -17.08 9.10
C TYR A 18 14.66 -17.13 9.44
N VAL A 19 14.98 -17.50 10.67
CA VAL A 19 16.39 -17.67 11.09
C VAL A 19 16.56 -19.04 11.75
N LYS A 20 17.38 -19.89 11.15
CA LYS A 20 17.61 -21.25 11.63
C LYS A 20 19.10 -21.49 11.77
N PRO A 21 19.48 -22.41 12.69
CA PRO A 21 20.88 -22.81 12.84
C PRO A 21 21.41 -23.49 11.59
N THR A 22 22.71 -23.41 11.35
CA THR A 22 23.31 -24.16 10.25
C THR A 22 23.38 -25.62 10.69
N MET A 23 23.54 -26.53 9.73
CA MET A 23 23.71 -27.95 10.03
C MET A 23 25.10 -28.19 10.64
N SER A 24 25.46 -29.44 10.89
CA SER A 24 26.76 -29.72 11.54
C SER A 24 27.97 -29.33 10.69
N ASP A 25 27.86 -29.42 9.36
CA ASP A 25 28.96 -29.01 8.49
C ASP A 25 28.99 -27.50 8.23
N GLY A 26 28.07 -26.76 8.85
CA GLY A 26 28.01 -25.31 8.69
C GLY A 26 27.26 -24.83 7.47
N THR A 27 26.62 -25.76 6.74
CA THR A 27 25.79 -25.38 5.60
C THR A 27 24.32 -25.28 6.00
N CYS A 28 23.49 -24.78 5.08
CA CYS A 28 22.05 -24.67 5.35
C CYS A 28 21.28 -25.85 4.74
N LYS A 29 20.31 -26.37 5.48
CA LYS A 29 19.54 -27.53 5.03
C LYS A 29 18.82 -27.22 3.73
N GLU A 30 18.90 -28.11 2.75
CA GLU A 30 18.19 -27.89 1.50
C GLU A 30 16.70 -28.14 1.72
N GLU A 31 15.86 -27.13 1.43
CA GLU A 31 14.42 -27.26 1.60
C GLU A 31 13.65 -26.75 0.39
N PHE A 32 12.34 -26.99 0.36
CA PHE A 32 11.52 -26.65 -0.80
C PHE A 32 10.26 -25.87 -0.40
N THR A 33 9.82 -24.98 -1.29
CA THR A 33 8.67 -24.12 -1.02
C THR A 33 7.37 -24.88 -1.27
N VAL A 34 6.23 -24.19 -1.12
CA VAL A 34 4.92 -24.84 -1.30
C VAL A 34 4.70 -25.25 -2.76
N ASN A 35 5.14 -24.40 -3.68
CA ASN A 35 5.38 -24.85 -5.05
C ASN A 35 6.73 -25.55 -5.05
N GLY A 36 7.03 -26.36 -6.06
CA GLY A 36 8.23 -27.19 -6.02
C GLY A 36 9.59 -26.52 -5.82
N ASP A 37 9.61 -25.19 -5.82
CA ASP A 37 10.87 -24.43 -5.81
C ASP A 37 11.80 -24.65 -4.61
N PRO A 38 13.12 -24.66 -4.87
CA PRO A 38 14.09 -24.75 -3.76
C PRO A 38 14.06 -23.44 -2.97
N VAL A 39 14.12 -23.54 -1.64
CA VAL A 39 14.19 -22.37 -0.78
C VAL A 39 15.60 -21.79 -0.87
N LYS A 40 15.69 -20.52 -1.27
CA LYS A 40 16.98 -19.85 -1.32
C LYS A 40 17.38 -19.37 0.06
N LYS A 41 18.59 -19.74 0.49
CA LYS A 41 19.06 -19.40 1.84
C LYS A 41 20.37 -18.65 1.78
N VAL A 42 20.54 -17.69 2.68
CA VAL A 42 21.80 -16.96 2.77
C VAL A 42 22.33 -17.12 4.18
N ILE A 43 23.65 -17.09 4.32
CA ILE A 43 24.20 -17.10 5.67
C ILE A 43 24.03 -15.70 6.22
N CYS A 44 23.52 -15.61 7.44
CA CYS A 44 23.41 -14.33 8.10
C CYS A 44 24.04 -14.51 9.45
N THR A 45 25.03 -13.67 9.77
CA THR A 45 25.69 -13.79 11.06
C THR A 45 24.92 -12.98 12.08
N GLY A 46 25.01 -13.36 13.34
CA GLY A 46 24.30 -12.63 14.38
C GLY A 46 24.29 -13.38 15.69
N PRO A 47 23.84 -12.70 16.76
CA PRO A 47 23.66 -13.31 18.09
C PRO A 47 22.71 -14.50 18.08
N ASN A 48 22.95 -15.47 18.96
CA ASN A 48 22.02 -16.56 19.22
C ASN A 48 21.00 -16.22 20.30
N ASP A 49 21.48 -15.92 21.50
CA ASP A 49 20.62 -15.58 22.63
C ASP A 49 20.97 -14.23 23.25
N GLY A 53 21.56 -8.88 29.39
CA GLY A 53 22.13 -10.02 30.12
C GLY A 53 23.17 -10.76 29.30
N SER A 54 22.83 -11.04 28.04
CA SER A 54 23.54 -12.00 27.19
C SER A 54 24.82 -11.47 26.54
N PRO A 55 25.81 -12.35 26.38
CA PRO A 55 27.10 -12.07 25.73
C PRO A 55 27.09 -11.84 24.21
N ARG A 56 25.94 -11.99 23.54
CA ARG A 56 25.82 -11.69 22.11
C ARG A 56 26.93 -12.27 21.21
N HIS A 57 27.32 -13.52 21.49
CA HIS A 57 28.33 -14.20 20.68
C HIS A 57 27.80 -14.47 19.28
N THR A 58 28.48 -13.94 18.26
CA THR A 58 27.97 -13.95 16.89
C THR A 58 28.29 -15.23 16.12
N VAL A 59 27.26 -15.81 15.49
CA VAL A 59 27.41 -17.07 14.76
C VAL A 59 26.72 -17.06 13.40
N PRO A 60 27.30 -17.78 12.43
CA PRO A 60 26.67 -17.92 11.11
C PRO A 60 25.35 -18.69 11.23
N GLN A 61 24.27 -18.08 10.75
CA GLN A 61 22.95 -18.70 10.79
C GLN A 61 22.34 -18.68 9.40
N CYS A 62 21.24 -19.42 9.23
CA CYS A 62 20.59 -19.50 7.93
C CYS A 62 19.37 -18.59 7.93
N CYS A 63 19.30 -17.71 6.93
CA CYS A 63 18.20 -16.76 6.79
C CYS A 63 17.49 -17.04 5.48
N TYR A 64 16.16 -16.98 5.50
CA TYR A 64 15.37 -17.15 4.28
C TYR A 64 13.99 -16.58 4.51
N GLY A 65 13.21 -16.44 3.44
CA GLY A 65 11.86 -15.89 3.56
C GLY A 65 11.59 -14.82 2.51
N PHE A 66 10.42 -14.19 2.63
CA PHE A 66 10.01 -13.10 1.75
C PHE A 66 11.13 -12.06 1.52
N CYS A 67 11.63 -11.45 2.59
CA CYS A 67 12.62 -10.39 2.47
C CYS A 67 13.96 -10.87 1.92
N ILE A 68 14.29 -12.13 2.21
CA ILE A 68 15.53 -12.67 1.67
C ILE A 68 15.40 -12.88 0.15
N ASP A 69 14.27 -13.45 -0.29
CA ASP A 69 13.99 -13.58 -1.72
C ASP A 69 14.08 -12.22 -2.42
N LEU A 70 13.49 -11.21 -1.78
CA LEU A 70 13.55 -9.83 -2.29
C LEU A 70 14.98 -9.32 -2.42
N LEU A 71 15.77 -9.49 -1.37
CA LEU A 71 17.16 -9.07 -1.39
C LEU A 71 17.91 -9.69 -2.57
N ILE A 72 17.72 -11.01 -2.76
CA ILE A 72 18.41 -11.73 -3.83
C ILE A 72 18.04 -11.20 -5.22
N LYS A 73 16.77 -10.86 -5.38
CA LYS A 73 16.28 -10.28 -6.62
C LYS A 73 16.90 -8.91 -6.84
N LEU A 74 16.89 -8.10 -5.79
CA LEU A 74 17.44 -6.75 -5.86
C LEU A 74 18.93 -6.78 -6.23
N ALA A 75 19.67 -7.64 -5.56
CA ALA A 75 21.10 -7.74 -5.75
C ALA A 75 21.44 -8.12 -7.20
N ARG A 76 20.67 -9.07 -7.73
CA ARG A 76 20.78 -9.48 -9.13
C ARG A 76 20.47 -8.31 -10.06
N THR A 77 19.29 -7.73 -9.87
CA THR A 77 18.78 -6.64 -10.67
C THR A 77 19.68 -5.41 -10.70
N MET A 78 20.23 -5.05 -9.55
CA MET A 78 21.00 -3.81 -9.45
C MET A 78 22.49 -4.07 -9.42
N ASN A 79 22.86 -5.34 -9.57
CA ASN A 79 24.27 -5.74 -9.65
C ASN A 79 25.09 -5.26 -8.46
N PHE A 80 24.64 -5.60 -7.24
CA PHE A 80 25.48 -5.37 -6.07
C PHE A 80 25.73 -6.68 -5.34
N THR A 81 26.84 -6.74 -4.61
CA THR A 81 27.12 -7.87 -3.73
C THR A 81 26.77 -7.43 -2.31
N TYR A 82 26.57 -8.39 -1.41
CA TYR A 82 26.09 -8.05 -0.06
C TYR A 82 26.57 -9.09 0.93
N GLU A 83 26.47 -8.77 2.22
CA GLU A 83 26.57 -9.76 3.27
C GLU A 83 25.52 -9.40 4.31
N VAL A 84 24.90 -10.43 4.89
CA VAL A 84 23.74 -10.21 5.75
C VAL A 84 24.08 -10.50 7.20
N HIS A 85 23.68 -9.60 8.09
CA HIS A 85 23.77 -9.90 9.52
C HIS A 85 22.46 -9.57 10.25
N LEU A 86 22.28 -10.21 11.40
CA LEU A 86 21.09 -9.92 12.20
C LEU A 86 21.37 -8.75 13.13
N VAL A 87 20.39 -7.88 13.33
CA VAL A 87 20.59 -6.70 14.16
C VAL A 87 21.08 -7.13 15.54
N ALA A 88 22.14 -6.50 16.05
CA ALA A 88 22.79 -6.99 17.29
C ALA A 88 21.91 -6.91 18.54
N ASP A 89 21.09 -5.87 18.64
CA ASP A 89 20.22 -5.74 19.82
C ASP A 89 18.81 -6.29 19.59
N GLY A 90 18.56 -6.87 18.41
CA GLY A 90 17.32 -7.58 18.13
C GLY A 90 16.08 -6.72 17.94
N LYS A 91 16.29 -5.43 17.70
CA LYS A 91 15.17 -4.48 17.62
C LYS A 91 15.01 -3.92 16.22
N PHE A 92 13.81 -3.48 15.89
CA PHE A 92 13.56 -2.75 14.64
C PHE A 92 14.19 -1.36 14.68
N GLY A 93 13.86 -0.61 15.72
CA GLY A 93 14.49 0.67 15.94
C GLY A 93 13.54 1.76 16.44
N THR A 94 13.81 2.24 17.65
CA THR A 94 13.11 3.41 18.17
C THR A 94 14.14 4.42 18.67
N GLN A 95 13.68 5.65 18.91
CA GLN A 95 14.56 6.68 19.40
C GLN A 95 14.48 6.71 20.93
N GLU A 96 15.61 6.57 21.60
CA GLU A 96 15.61 6.71 23.07
C GLU A 96 16.77 7.53 23.58
N ARG A 97 16.67 7.97 24.83
CA ARG A 97 17.69 8.87 25.35
C ARG A 97 18.61 8.29 26.41
N VAL A 98 19.28 9.21 27.11
CA VAL A 98 20.47 8.97 27.94
C VAL A 98 21.62 8.59 27.01
N LYS A 103 20.65 14.04 24.05
CA LYS A 103 20.90 13.49 22.72
C LYS A 103 20.20 12.16 22.52
N LYS A 104 19.00 12.19 21.92
CA LYS A 104 18.27 10.96 21.65
C LYS A 104 18.97 10.15 20.56
N GLU A 105 18.94 8.82 20.70
CA GLU A 105 19.67 7.94 19.79
C GLU A 105 18.80 6.77 19.36
N TRP A 106 18.84 6.43 18.07
CA TRP A 106 18.09 5.27 17.56
C TRP A 106 18.77 3.98 17.99
N ASN A 107 17.98 2.99 18.39
CA ASN A 107 18.49 1.63 18.58
C ASN A 107 18.14 0.75 17.38
N GLY A 108 18.35 -0.55 17.50
CA GLY A 108 17.92 -1.50 16.48
C GLY A 108 18.49 -1.24 15.09
N MET A 109 17.74 -1.65 14.06
CA MET A 109 18.23 -1.53 12.69
C MET A 109 18.38 -0.07 12.28
N MET A 110 17.50 0.77 12.78
CA MET A 110 17.61 2.19 12.55
C MET A 110 18.98 2.70 12.99
N GLY A 111 19.39 2.38 14.22
CA GLY A 111 20.69 2.81 14.72
C GLY A 111 21.85 2.26 13.90
N GLU A 112 21.78 0.97 13.53
CA GLU A 112 22.86 0.38 12.71
C GLU A 112 22.99 1.06 11.34
N LEU A 113 21.85 1.36 10.70
CA LEU A 113 21.90 2.03 9.39
C LEU A 113 22.54 3.41 9.52
N LEU A 114 22.13 4.15 10.53
CA LEU A 114 22.61 5.51 10.68
C LEU A 114 24.10 5.55 11.07
N SER A 115 24.54 4.55 11.83
CA SER A 115 25.95 4.51 12.26
C SER A 115 26.90 3.94 11.20
N GLY A 116 26.36 3.32 10.16
CA GLY A 116 27.22 2.79 9.13
C GLY A 116 27.49 1.31 9.29
N GLN A 117 26.99 0.73 10.38
CA GLN A 117 27.10 -0.72 10.58
C GLN A 117 26.29 -1.51 9.54
N ALA A 118 25.35 -0.83 8.90
CA ALA A 118 24.59 -1.41 7.81
C ALA A 118 24.48 -0.37 6.75
N ASP A 119 24.31 -0.81 5.50
CA ASP A 119 24.09 0.12 4.40
C ASP A 119 22.66 0.07 3.89
N MET A 120 21.94 -0.97 4.26
CA MET A 120 20.56 -1.12 3.81
C MET A 120 19.82 -2.02 4.78
N ILE A 121 18.58 -1.65 5.11
CA ILE A 121 17.75 -2.47 5.99
C ILE A 121 16.78 -3.23 5.13
N VAL A 122 16.86 -4.57 5.17
CA VAL A 122 15.96 -5.42 4.41
C VAL A 122 15.19 -6.30 5.38
N ALA A 123 13.97 -5.89 5.69
CA ALA A 123 13.23 -6.49 6.77
C ALA A 123 11.86 -5.85 6.71
N PRO A 124 10.87 -6.40 7.45
CA PRO A 124 9.56 -5.75 7.47
C PRO A 124 9.60 -4.52 8.38
N LEU A 125 10.26 -3.48 7.89
CA LEU A 125 10.46 -2.25 8.66
C LEU A 125 9.35 -1.28 8.35
N THR A 126 8.48 -1.03 9.34
CA THR A 126 7.32 -0.18 9.11
C THR A 126 7.72 1.25 8.75
N ILE A 127 7.17 1.74 7.64
CA ILE A 127 7.37 3.12 7.23
C ILE A 127 6.59 4.08 8.13
N ASN A 128 7.26 5.05 8.73
CA ASN A 128 6.54 6.03 9.53
C ASN A 128 7.24 7.38 9.51
N ASN A 129 6.58 8.41 10.03
CA ASN A 129 7.13 9.75 9.97
C ASN A 129 8.46 9.88 10.73
N GLU A 130 8.50 9.35 11.95
CA GLU A 130 9.67 9.53 12.82
C GLU A 130 10.92 8.97 12.13
N ARG A 131 10.80 7.78 11.54
CA ARG A 131 11.94 7.17 10.85
C ARG A 131 12.28 7.90 9.53
N ALA A 132 11.26 8.34 8.80
CA ALA A 132 11.50 9.01 7.53
C ALA A 132 12.18 10.39 7.70
N GLN A 133 12.12 10.95 8.90
CA GLN A 133 12.87 12.20 9.16
C GLN A 133 14.38 11.93 9.08
N TYR A 134 14.76 10.68 9.36
CA TYR A 134 16.18 10.32 9.50
C TYR A 134 16.76 9.50 8.34
N ILE A 135 15.94 8.61 7.78
CA ILE A 135 16.39 7.73 6.71
C ILE A 135 15.47 7.83 5.51
N GLU A 136 15.86 7.19 4.41
CA GLU A 136 15.01 7.12 3.22
C GLU A 136 14.35 5.75 3.16
N PHE A 137 13.03 5.71 2.97
CA PHE A 137 12.36 4.46 2.69
C PHE A 137 12.13 4.32 1.19
N SER A 138 12.23 3.09 0.68
CA SER A 138 11.77 2.81 -0.68
C SER A 138 10.23 2.91 -0.70
N LYS A 139 9.65 2.96 -1.91
CA LYS A 139 8.23 2.65 -2.08
C LYS A 139 7.99 1.27 -1.48
N PRO A 140 6.79 1.02 -0.93
CA PRO A 140 6.58 -0.20 -0.14
C PRO A 140 6.71 -1.49 -0.95
N PHE A 141 7.43 -2.48 -0.42
CA PHE A 141 7.48 -3.79 -1.05
C PHE A 141 6.32 -4.64 -0.57
N LYS A 142 5.63 -4.16 0.47
CA LYS A 142 4.53 -4.91 1.04
C LYS A 142 3.66 -3.97 1.89
N TYR A 143 2.35 -4.05 1.72
CA TYR A 143 1.45 -3.31 2.59
C TYR A 143 1.47 -3.81 4.03
N GLN A 144 1.24 -2.91 4.98
CA GLN A 144 1.24 -3.29 6.38
C GLN A 144 -0.09 -2.85 7.00
N GLY A 145 -0.59 -3.63 7.96
CA GLY A 145 -1.78 -3.24 8.68
C GLY A 145 -1.93 -4.09 9.92
N LEU A 146 -2.84 -3.69 10.80
CA LEU A 146 -3.19 -4.56 11.93
C LEU A 146 -4.46 -5.33 11.60
N THR A 147 -4.59 -6.52 12.19
CA THR A 147 -5.88 -7.21 12.21
C THR A 147 -6.10 -7.88 13.55
N ILE A 148 -7.12 -8.71 13.63
CA ILE A 148 -7.53 -9.29 14.89
C ILE A 148 -7.49 -10.81 14.83
N LEU A 149 -6.95 -11.45 15.86
CA LEU A 149 -6.90 -12.92 15.93
C LEU A 149 -7.90 -13.47 16.95
N VAL A 150 -8.76 -14.37 16.50
CA VAL A 150 -9.78 -14.94 17.38
C VAL A 150 -9.92 -16.44 17.17
N LYS A 151 -10.63 -17.10 18.09
CA LYS A 151 -10.97 -18.50 17.90
C LYS A 151 -12.01 -18.57 16.80
N LYS A 152 -11.93 -19.58 15.95
CA LYS A 152 -12.87 -19.76 14.84
C LYS A 152 -14.31 -19.68 15.33
N GLY A 153 -15.16 -18.98 14.59
CA GLY A 153 -16.55 -18.80 14.98
C GLY A 153 -16.87 -17.41 15.52
N THR A 154 -15.83 -16.69 15.94
CA THR A 154 -16.00 -15.35 16.49
C THR A 154 -16.05 -14.29 15.37
N ARG A 155 -17.02 -13.38 15.45
CA ARG A 155 -17.20 -12.35 14.44
C ARG A 155 -16.84 -10.96 14.96
N ILE A 156 -15.73 -10.43 14.49
CA ILE A 156 -15.37 -9.04 14.74
C ILE A 156 -15.18 -8.28 13.43
N THR A 157 -15.83 -7.13 13.32
CA THR A 157 -15.92 -6.38 12.08
C THR A 157 -14.61 -5.63 11.74
N GLY A 158 -13.84 -5.32 12.77
CA GLY A 158 -12.67 -4.47 12.62
C GLY A 158 -12.57 -3.53 13.80
N ILE A 159 -11.74 -2.49 13.67
CA ILE A 159 -11.48 -1.57 14.76
C ILE A 159 -12.74 -0.80 15.20
N ASN A 160 -13.76 -0.80 14.34
CA ASN A 160 -15.00 -0.09 14.63
C ASN A 160 -16.17 -0.97 15.12
N ASP A 161 -15.89 -2.26 15.33
CA ASP A 161 -16.87 -3.18 15.92
C ASP A 161 -17.27 -2.75 17.35
N PRO A 162 -18.58 -2.72 17.64
CA PRO A 162 -19.07 -2.27 18.95
C PRO A 162 -18.45 -3.02 20.16
N ARG A 163 -18.10 -4.29 19.99
CA ARG A 163 -17.41 -5.00 21.07
C ARG A 163 -15.99 -4.52 21.33
N LEU A 164 -15.40 -3.82 20.36
CA LEU A 164 -14.14 -3.13 20.61
C LEU A 164 -14.39 -1.68 21.05
N ARG A 165 -15.29 -0.98 20.37
CA ARG A 165 -15.54 0.43 20.69
C ARG A 165 -16.14 0.60 22.08
N ASN A 166 -17.00 -0.34 22.47
CA ASN A 166 -17.61 -0.29 23.80
C ASN A 166 -17.26 -1.54 24.60
N PRO A 167 -16.08 -1.52 25.24
CA PRO A 167 -15.54 -2.76 25.84
C PRO A 167 -16.17 -3.16 27.18
N SER A 168 -16.25 -4.46 27.40
CA SER A 168 -16.60 -5.03 28.70
C SER A 168 -15.79 -6.33 28.90
N ASP A 169 -15.79 -6.85 30.12
CA ASP A 169 -15.07 -8.10 30.39
C ASP A 169 -15.73 -9.32 29.72
N LYS A 170 -16.86 -9.12 29.05
CA LYS A 170 -17.49 -10.21 28.30
C LYS A 170 -16.72 -10.53 27.02
N PHE A 171 -16.01 -9.53 26.49
CA PHE A 171 -15.20 -9.73 25.30
C PHE A 171 -13.87 -9.02 25.49
N ILE A 172 -12.85 -9.80 25.84
CA ILE A 172 -11.54 -9.26 26.20
C ILE A 172 -10.60 -9.22 25.00
N TYR A 173 -10.08 -8.05 24.71
CA TYR A 173 -9.12 -7.92 23.60
C TYR A 173 -7.85 -7.26 24.12
N ALA A 174 -6.72 -7.56 23.49
CA ALA A 174 -5.44 -6.96 23.91
C ALA A 174 -4.35 -7.05 22.84
N THR A 175 -3.20 -6.44 23.13
CA THR A 175 -2.03 -6.57 22.28
C THR A 175 -0.83 -6.85 23.19
N VAL A 176 0.40 -6.72 22.68
CA VAL A 176 1.58 -6.93 23.53
C VAL A 176 2.03 -5.63 24.24
N LYS A 177 2.21 -5.69 25.56
CA LYS A 177 2.68 -4.54 26.35
C LYS A 177 3.93 -3.92 25.73
N GLN A 178 3.94 -2.59 25.61
CA GLN A 178 5.08 -1.84 25.09
C GLN A 178 5.51 -2.20 23.65
N SER A 179 4.69 -2.97 22.95
CA SER A 179 4.92 -3.24 21.54
C SER A 179 4.65 -1.97 20.73
N SER A 180 5.01 -2.02 19.45
CA SER A 180 4.74 -0.88 18.57
C SER A 180 3.24 -0.59 18.50
N VAL A 181 2.43 -1.65 18.54
CA VAL A 181 0.98 -1.51 18.53
C VAL A 181 0.47 -0.82 19.80
N ASP A 182 1.00 -1.24 20.95
CA ASP A 182 0.64 -0.63 22.23
C ASP A 182 0.94 0.86 22.20
N ILE A 183 2.13 1.20 21.73
CA ILE A 183 2.56 2.60 21.68
C ILE A 183 1.64 3.42 20.78
N TYR A 184 1.32 2.86 19.62
CA TYR A 184 0.44 3.51 18.65
C TYR A 184 -0.92 3.82 19.28
N PHE A 185 -1.48 2.84 19.98
CA PHE A 185 -2.79 3.01 20.60
C PHE A 185 -2.81 4.08 21.68
N ARG A 186 -1.76 4.12 22.51
CA ARG A 186 -1.66 5.13 23.57
C ARG A 186 -1.65 6.54 22.99
N ARG A 187 -1.10 6.67 21.78
CA ARG A 187 -0.92 7.97 21.12
C ARG A 187 -2.23 8.64 20.65
N GLN A 188 -3.25 7.84 20.34
CA GLN A 188 -4.48 8.40 19.78
C GLN A 188 -5.54 8.64 20.85
N VAL A 189 -5.92 9.90 21.08
CA VAL A 189 -6.92 10.21 22.10
C VAL A 189 -8.26 9.53 21.83
N GLU A 190 -8.62 9.39 20.55
CA GLU A 190 -9.88 8.71 20.19
C GLU A 190 -9.87 7.21 20.55
N LEU A 191 -8.69 6.66 20.78
CA LEU A 191 -8.59 5.26 21.18
C LEU A 191 -8.48 5.11 22.71
N SER A 192 -8.61 6.22 23.44
CA SER A 192 -8.43 6.23 24.90
C SER A 192 -9.28 5.18 25.63
N THR A 193 -10.59 5.24 25.42
CA THR A 193 -11.50 4.28 26.05
C THR A 193 -11.14 2.85 25.65
N MET A 194 -10.75 2.67 24.40
CA MET A 194 -10.29 1.37 23.91
C MET A 194 -8.95 1.01 24.55
N TYR A 195 -8.15 2.03 24.84
CA TYR A 195 -6.82 1.79 25.38
C TYR A 195 -6.86 1.34 26.84
N ARG A 196 -7.75 1.92 27.65
CA ARG A 196 -7.82 1.55 29.05
C ARG A 196 -8.24 0.09 29.25
N HIS A 197 -9.00 -0.45 28.29
CA HIS A 197 -9.39 -1.85 28.35
C HIS A 197 -8.23 -2.77 28.02
N MET A 198 -7.46 -2.38 27.01
CA MET A 198 -6.33 -3.18 26.54
C MET A 198 -5.23 -3.22 27.57
N GLU A 199 -4.96 -2.06 28.16
CA GLU A 199 -3.92 -1.86 29.17
C GLU A 199 -4.05 -2.88 30.29
N LYS A 200 -5.29 -3.09 30.73
CA LYS A 200 -5.57 -4.03 31.81
C LYS A 200 -5.37 -5.49 31.41
N HIS A 201 -5.21 -5.75 30.11
CA HIS A 201 -5.13 -7.14 29.64
C HIS A 201 -3.94 -7.48 28.75
N ASN A 202 -3.09 -6.49 28.46
CA ASN A 202 -1.98 -6.74 27.53
C ASN A 202 -1.06 -7.89 27.99
N TYR A 203 -0.57 -8.69 27.04
CA TYR A 203 0.33 -9.78 27.35
C TYR A 203 1.81 -9.38 27.20
N GLU A 204 2.70 -10.24 27.67
CA GLU A 204 4.14 -9.96 27.67
C GLU A 204 4.77 -10.19 26.30
N SER A 205 4.22 -11.13 25.54
CA SER A 205 4.77 -11.50 24.24
C SER A 205 3.64 -11.92 23.32
N ALA A 206 3.88 -11.90 22.02
CA ALA A 206 2.87 -12.33 21.06
C ALA A 206 2.48 -13.78 21.30
N ALA A 207 3.48 -14.61 21.55
CA ALA A 207 3.28 -16.03 21.79
C ALA A 207 2.38 -16.27 23.01
N GLU A 208 2.49 -15.39 24.00
CA GLU A 208 1.67 -15.48 25.22
C GLU A 208 0.25 -14.94 24.99
N ALA A 209 0.13 -14.01 24.03
CA ALA A 209 -1.19 -13.52 23.65
C ALA A 209 -1.97 -14.58 22.85
N ILE A 210 -1.27 -15.26 21.94
CA ILE A 210 -1.90 -16.22 21.01
C ILE A 210 -2.44 -17.53 21.66
N GLN A 211 -1.63 -18.17 22.51
CA GLN A 211 -2.09 -19.31 23.32
C GLN A 211 -3.30 -18.92 24.16
N ALA A 212 -3.26 -17.71 24.72
CA ALA A 212 -4.38 -17.19 25.49
C ALA A 212 -5.65 -17.17 24.65
N VAL A 213 -5.52 -16.87 23.36
CA VAL A 213 -6.67 -16.96 22.46
C VAL A 213 -7.08 -18.42 22.31
N ARG A 214 -6.09 -19.31 22.17
CA ARG A 214 -6.38 -20.74 22.13
C ARG A 214 -7.03 -21.20 23.43
N ASP A 215 -6.57 -20.63 24.55
CA ASP A 215 -7.04 -21.05 25.86
C ASP A 215 -8.29 -20.29 26.35
N ASN A 216 -8.97 -19.59 25.44
CA ASN A 216 -10.16 -18.80 25.79
C ASN A 216 -9.97 -17.86 26.99
N LYS A 217 -8.74 -17.38 27.19
CA LYS A 217 -8.43 -16.47 28.29
C LYS A 217 -8.47 -15.04 27.77
N LEU A 218 -8.39 -14.93 26.45
CA LEU A 218 -8.35 -13.65 25.77
C LEU A 218 -9.08 -13.90 24.47
N HIS A 219 -10.04 -13.04 24.14
CA HIS A 219 -10.95 -13.33 23.03
C HIS A 219 -10.45 -12.79 21.71
N ALA A 220 -9.64 -11.73 21.76
CA ALA A 220 -9.15 -11.09 20.55
C ALA A 220 -7.77 -10.50 20.75
N PHE A 221 -6.86 -10.81 19.84
CA PHE A 221 -5.48 -10.30 19.91
C PHE A 221 -5.23 -9.38 18.70
N ILE A 222 -4.84 -8.14 18.97
CA ILE A 222 -4.62 -7.16 17.91
C ILE A 222 -3.13 -7.11 17.59
N TRP A 223 -2.76 -7.46 16.36
CA TRP A 223 -1.34 -7.56 16.02
C TRP A 223 -1.13 -7.35 14.54
N ASP A 224 0.12 -7.37 14.11
CA ASP A 224 0.44 -7.24 12.70
C ASP A 224 -0.31 -8.28 11.86
N SER A 225 -0.84 -7.87 10.72
CA SER A 225 -1.71 -8.73 9.94
C SER A 225 -0.94 -9.91 9.33
N ALA A 226 0.21 -9.65 8.73
CA ALA A 226 0.98 -10.73 8.10
C ALA A 226 1.30 -11.82 9.11
N VAL A 227 1.77 -11.43 10.29
CA VAL A 227 2.08 -12.40 11.33
C VAL A 227 0.84 -13.18 11.78
N LEU A 228 -0.31 -12.50 11.85
CA LEU A 228 -1.52 -13.15 12.36
C LEU A 228 -2.08 -14.18 11.38
N GLU A 229 -2.08 -13.86 10.08
CA GLU A 229 -2.47 -14.84 9.07
C GLU A 229 -1.53 -16.03 9.17
N PHE A 230 -0.25 -15.76 9.39
CA PHE A 230 0.75 -16.81 9.47
C PHE A 230 0.48 -17.70 10.68
N GLU A 231 0.30 -17.07 11.84
CA GLU A 231 -0.03 -17.82 13.05
C GLU A 231 -1.29 -18.64 12.82
N ALA A 232 -2.26 -18.05 12.12
CA ALA A 232 -3.53 -18.71 11.83
C ALA A 232 -3.38 -19.86 10.81
N SER A 233 -2.30 -19.82 10.03
CA SER A 233 -2.10 -20.78 8.94
C SER A 233 -1.89 -22.23 9.41
N GLN A 234 -1.55 -22.39 10.68
CA GLN A 234 -1.51 -23.70 11.32
C GLN A 234 -2.75 -24.52 10.94
N LYS A 235 -3.88 -23.81 10.87
CA LYS A 235 -5.17 -24.36 10.45
C LYS A 235 -5.72 -25.47 11.38
N CYS A 236 -6.67 -25.16 12.26
CA CYS A 236 -7.24 -23.82 12.47
C CYS A 236 -8.15 -23.77 13.70
N ASP A 237 -7.61 -23.67 14.91
CA ASP A 237 -8.50 -23.31 16.02
C ASP A 237 -8.57 -21.79 16.14
N LEU A 238 -7.65 -21.11 15.45
CA LEU A 238 -7.57 -19.65 15.47
C LEU A 238 -7.92 -19.10 14.08
N VAL A 239 -8.30 -17.82 14.03
CA VAL A 239 -8.68 -17.20 12.76
C VAL A 239 -8.53 -15.69 12.85
N THR A 240 -8.40 -15.03 11.70
CA THR A 240 -8.37 -13.57 11.63
C THR A 240 -9.75 -13.01 11.25
N THR A 241 -10.08 -11.82 11.75
CA THR A 241 -11.41 -11.22 11.50
C THR A 241 -11.36 -9.76 11.14
N GLY A 242 -12.31 -9.34 10.32
CA GLY A 242 -12.55 -7.92 10.08
C GLY A 242 -11.63 -7.29 9.06
N GLU A 243 -11.86 -6.01 8.79
CA GLU A 243 -11.03 -5.23 7.90
C GLU A 243 -9.72 -4.85 8.57
N LEU A 244 -8.66 -4.71 7.77
CA LEU A 244 -7.37 -4.28 8.28
C LEU A 244 -7.50 -2.83 8.69
N PHE A 245 -6.74 -2.42 9.69
CA PHE A 245 -6.78 -1.03 10.14
C PHE A 245 -5.39 -0.48 10.42
N PHE A 246 -5.30 0.85 10.45
CA PHE A 246 -4.05 1.55 10.71
C PHE A 246 -2.99 1.03 9.73
N ARG A 247 -3.26 1.23 8.45
CA ARG A 247 -2.42 0.68 7.39
C ARG A 247 -1.21 1.55 7.19
N SER A 248 -0.09 0.93 6.81
CA SER A 248 1.06 1.66 6.29
C SER A 248 1.77 0.73 5.29
N GLY A 249 3.09 0.66 5.37
CA GLY A 249 3.80 -0.25 4.48
C GLY A 249 5.14 -0.63 5.09
N PHE A 250 5.78 -1.63 4.50
CA PHE A 250 7.16 -2.00 4.82
C PHE A 250 8.03 -1.56 3.65
N GLY A 251 9.17 -0.95 3.97
CA GLY A 251 10.03 -0.40 2.93
C GLY A 251 11.45 -0.78 3.23
N ILE A 252 12.29 -0.82 2.19
CA ILE A 252 13.71 -0.99 2.40
C ILE A 252 14.23 0.32 2.97
N GLY A 253 15.06 0.27 4.01
CA GLY A 253 15.63 1.48 4.57
C GLY A 253 17.06 1.75 4.14
N MET A 254 17.35 3.01 3.76
CA MET A 254 18.70 3.43 3.37
CA MET A 254 18.70 3.42 3.38
C MET A 254 19.01 4.81 3.92
N ARG A 255 20.29 5.17 3.99
CA ARG A 255 20.67 6.52 4.42
C ARG A 255 20.29 7.54 3.33
N LYS A 256 20.11 8.80 3.72
CA LYS A 256 19.71 9.86 2.79
C LYS A 256 20.58 10.02 1.54
N ASP A 257 21.88 9.76 1.65
CA ASP A 257 22.75 9.99 0.51
C ASP A 257 23.13 8.70 -0.24
N SER A 258 22.38 7.62 -0.01
CA SER A 258 22.68 6.38 -0.73
C SER A 258 22.52 6.57 -2.23
N PRO A 259 23.48 6.04 -3.02
CA PRO A 259 23.34 6.13 -4.48
C PRO A 259 22.42 5.06 -5.04
N TRP A 260 21.96 4.13 -4.20
CA TRP A 260 21.13 3.02 -4.67
C TRP A 260 19.64 3.28 -4.53
N LYS A 261 19.27 4.38 -3.85
CA LYS A 261 17.89 4.55 -3.41
C LYS A 261 16.83 4.67 -4.50
N GLN A 262 17.11 5.37 -5.59
CA GLN A 262 16.09 5.51 -6.62
C GLN A 262 15.88 4.18 -7.32
N ASN A 263 16.98 3.49 -7.59
CA ASN A 263 16.88 2.21 -8.28
C ASN A 263 16.26 1.10 -7.45
N VAL A 264 16.49 1.14 -6.15
CA VAL A 264 15.82 0.18 -5.27
C VAL A 264 14.30 0.37 -5.36
N SER A 265 13.85 1.61 -5.31
CA SER A 265 12.42 1.89 -5.40
C SER A 265 11.83 1.50 -6.74
N LEU A 266 12.50 1.88 -7.83
CA LEU A 266 12.05 1.51 -9.17
C LEU A 266 11.99 0.01 -9.33
N SER A 267 12.96 -0.71 -8.77
CA SER A 267 13.00 -2.17 -8.91
C SER A 267 11.83 -2.79 -8.13
N ILE A 268 11.46 -2.18 -7.02
CA ILE A 268 10.32 -2.66 -6.26
C ILE A 268 9.00 -2.42 -7.01
N LEU A 269 8.84 -1.26 -7.63
CA LEU A 269 7.66 -1.01 -8.47
C LEU A 269 7.59 -2.01 -9.64
N LYS A 270 8.72 -2.20 -10.31
CA LYS A 270 8.82 -3.16 -11.40
C LYS A 270 8.37 -4.54 -10.94
N SER A 271 8.83 -4.96 -9.76
CA SER A 271 8.48 -6.28 -9.22
C SER A 271 7.01 -6.41 -8.84
N HIS A 272 6.41 -5.34 -8.34
CA HIS A 272 4.97 -5.38 -8.13
C HIS A 272 4.27 -5.54 -9.49
N GLU A 273 4.76 -4.83 -10.49
CA GLU A 273 4.03 -4.70 -11.74
C GLU A 273 4.10 -5.95 -12.62
N ASN A 274 5.18 -6.71 -12.50
CA ASN A 274 5.36 -7.91 -13.33
C ASN A 274 5.01 -9.23 -12.65
N GLY A 275 4.46 -9.16 -11.45
CA GLY A 275 4.00 -10.35 -10.76
C GLY A 275 5.03 -11.00 -9.84
N PHE A 276 6.25 -10.49 -9.84
CA PHE A 276 7.26 -11.05 -8.94
C PHE A 276 6.78 -10.99 -7.49
N MET A 277 6.25 -9.83 -7.08
CA MET A 277 5.81 -9.72 -5.71
C MET A 277 4.62 -10.66 -5.41
N GLU A 278 3.80 -10.95 -6.41
CA GLU A 278 2.69 -11.88 -6.18
C GLU A 278 3.24 -13.30 -6.02
N ASP A 279 4.33 -13.59 -6.73
CA ASP A 279 4.97 -14.88 -6.60
C ASP A 279 5.51 -15.06 -5.18
N LEU A 280 6.05 -13.97 -4.63
CA LEU A 280 6.53 -13.99 -3.26
C LEU A 280 5.37 -14.15 -2.29
N ASP A 281 4.25 -13.49 -2.60
CA ASP A 281 3.07 -13.60 -1.77
C ASP A 281 2.60 -15.05 -1.75
N LYS A 282 2.61 -15.69 -2.92
CA LYS A 282 2.21 -17.08 -3.08
C LYS A 282 3.18 -18.00 -2.34
N THR A 283 4.46 -17.66 -2.41
CA THR A 283 5.48 -18.49 -1.77
C THR A 283 5.42 -18.43 -0.24
N TRP A 284 5.27 -17.23 0.33
CA TRP A 284 5.51 -17.04 1.78
C TRP A 284 4.32 -16.64 2.64
N VAL A 285 3.29 -16.07 2.04
CA VAL A 285 2.20 -15.43 2.80
C VAL A 285 0.81 -15.93 2.36
N ARG A 286 0.75 -16.76 1.32
CA ARG A 286 -0.51 -17.40 0.94
C ARG A 286 -0.56 -18.85 1.44
N TYR A 287 -1.54 -19.15 2.28
CA TYR A 287 -1.59 -20.44 2.97
C TYR A 287 -2.83 -21.25 2.59
N ASP B 3 8.30 31.36 -4.43
CA ASP B 3 6.89 31.64 -4.25
C ASP B 3 6.16 30.37 -3.79
N ASN B 4 5.19 30.52 -2.89
CA ASN B 4 4.49 29.36 -2.34
C ASN B 4 3.02 29.20 -2.75
N HIS B 5 2.64 29.88 -3.82
CA HIS B 5 1.31 29.74 -4.44
C HIS B 5 1.48 28.81 -5.64
N LEU B 6 0.91 27.62 -5.56
CA LEU B 6 1.27 26.55 -6.49
C LEU B 6 0.19 26.19 -7.48
N SER B 7 0.57 25.94 -8.72
CA SER B 7 -0.37 25.40 -9.67
C SER B 7 -0.50 23.89 -9.42
N ILE B 8 -1.74 23.45 -9.23
CA ILE B 8 -2.00 22.04 -8.92
C ILE B 8 -3.11 21.49 -9.82
N VAL B 9 -2.86 20.33 -10.43
CA VAL B 9 -3.81 19.73 -11.34
C VAL B 9 -4.51 18.54 -10.69
N THR B 10 -5.78 18.36 -11.04
CA THR B 10 -6.52 17.18 -10.57
C THR B 10 -7.45 16.66 -11.68
N LEU B 11 -8.25 15.65 -11.33
CA LEU B 11 -9.12 14.97 -12.28
C LEU B 11 -10.30 14.37 -11.54
N GLU B 12 -11.50 14.52 -12.07
CA GLU B 12 -12.66 14.01 -11.33
C GLU B 12 -12.66 12.49 -11.35
N GLU B 13 -12.83 11.90 -10.18
CA GLU B 13 -13.06 10.45 -10.05
C GLU B 13 -13.53 10.15 -8.64
N ALA B 14 -14.84 9.96 -8.48
CA ALA B 14 -15.41 9.75 -7.14
C ALA B 14 -14.90 8.45 -6.55
N PRO B 15 -14.72 8.40 -5.22
CA PRO B 15 -14.96 9.49 -4.27
C PRO B 15 -13.67 10.26 -4.01
N PHE B 16 -12.67 10.07 -4.86
CA PHE B 16 -11.41 10.75 -4.65
C PHE B 16 -11.43 12.24 -4.99
N VAL B 17 -12.04 12.57 -6.12
CA VAL B 17 -12.24 13.96 -6.53
C VAL B 17 -13.64 14.06 -7.13
N ILE B 18 -14.48 14.87 -6.51
CA ILE B 18 -15.85 15.03 -6.96
C ILE B 18 -16.04 16.50 -7.34
N VAL B 19 -16.64 16.75 -8.52
CA VAL B 19 -16.77 18.12 -8.99
C VAL B 19 -18.23 18.54 -8.89
N GLU B 20 -18.47 19.74 -8.34
CA GLU B 20 -19.82 20.28 -8.18
C GLU B 20 -19.90 21.64 -8.87
N ASP B 21 -21.11 22.07 -9.21
CA ASP B 21 -21.30 23.39 -9.75
C ASP B 21 -21.25 24.38 -8.59
N ILE B 22 -20.66 25.54 -8.82
CA ILE B 22 -20.52 26.54 -7.78
C ILE B 22 -21.84 27.32 -7.64
N ASP B 23 -22.09 27.86 -6.47
CA ASP B 23 -23.24 28.73 -6.24
C ASP B 23 -23.12 29.96 -7.13
N PRO B 24 -24.08 30.13 -8.08
CA PRO B 24 -24.03 31.24 -9.05
C PRO B 24 -24.17 32.58 -8.33
N LEU B 25 -25.01 32.60 -7.30
CA LEU B 25 -25.13 33.75 -6.44
C LEU B 25 -24.21 33.61 -5.24
N THR B 26 -22.91 33.84 -5.48
CA THR B 26 -21.82 34.04 -4.48
C THR B 26 -20.49 33.81 -5.17
N GLU B 27 -20.48 32.83 -6.08
CA GLU B 27 -19.25 32.39 -6.73
C GLU B 27 -18.20 31.94 -5.71
N THR B 28 -18.66 31.46 -4.56
CA THR B 28 -17.74 30.99 -3.52
C THR B 28 -18.01 29.54 -3.15
N CYS B 29 -16.94 28.76 -3.07
CA CYS B 29 -17.05 27.37 -2.68
C CYS B 29 -17.13 27.23 -1.16
N VAL B 30 -18.03 26.36 -0.72
CA VAL B 30 -18.34 26.31 0.71
C VAL B 30 -18.34 24.88 1.26
N ARG B 31 -18.64 24.74 2.55
CA ARG B 31 -18.58 23.44 3.23
C ARG B 31 -17.22 22.78 3.07
N ASN B 32 -17.21 21.53 2.64
CA ASN B 32 -15.93 20.82 2.49
C ASN B 32 -15.34 20.89 1.07
N THR B 33 -15.81 21.83 0.26
CA THR B 33 -15.28 22.00 -1.11
C THR B 33 -14.18 23.06 -1.19
N VAL B 34 -13.43 23.03 -2.29
CA VAL B 34 -12.43 24.05 -2.59
C VAL B 34 -12.63 24.48 -4.05
N PRO B 35 -12.20 25.71 -4.40
CA PRO B 35 -12.31 26.16 -5.79
C PRO B 35 -11.41 25.33 -6.72
N CYS B 36 -11.97 24.97 -7.87
CA CYS B 36 -11.19 24.33 -8.92
C CYS B 36 -11.78 24.78 -10.24
N ARG B 37 -10.92 25.10 -11.19
CA ARG B 37 -11.39 25.60 -12.46
C ARG B 37 -11.21 24.58 -13.57
N LYS B 38 -12.06 24.67 -14.59
CA LYS B 38 -11.94 23.80 -15.75
C LYS B 38 -12.07 24.61 -17.02
N PHE B 39 -11.13 24.41 -17.92
CA PHE B 39 -11.14 25.08 -19.21
C PHE B 39 -12.13 24.42 -20.14
N VAL B 40 -13.08 25.19 -20.64
CA VAL B 40 -14.14 24.66 -21.49
C VAL B 40 -14.18 25.39 -22.84
N LYS B 41 -14.15 24.63 -23.94
CA LYS B 41 -14.14 25.23 -25.28
C LYS B 41 -15.45 25.95 -25.64
N ILE B 42 -15.35 27.03 -26.41
CA ILE B 42 -16.55 27.71 -26.90
C ILE B 42 -17.23 26.89 -28.01
N ASN B 43 -16.42 26.32 -28.90
CA ASN B 43 -16.93 25.51 -30.02
C ASN B 43 -15.88 24.54 -30.56
N ASN B 44 -16.20 23.84 -31.65
CA ASN B 44 -15.29 22.86 -32.22
C ASN B 44 -14.45 23.41 -33.38
N SER B 45 -14.65 24.68 -33.71
CA SER B 45 -13.88 25.32 -34.78
C SER B 45 -12.47 25.68 -34.33
N THR B 46 -12.35 26.32 -33.16
CA THR B 46 -11.04 26.71 -32.66
C THR B 46 -10.81 26.19 -31.26
N ASN B 47 -9.67 26.57 -30.67
CA ASN B 47 -9.30 26.12 -29.34
C ASN B 47 -9.59 27.20 -28.31
N GLU B 48 -10.29 28.24 -28.73
CA GLU B 48 -10.72 29.30 -27.84
C GLU B 48 -11.57 28.71 -26.70
N GLY B 49 -11.35 29.16 -25.47
CA GLY B 49 -12.12 28.67 -24.35
C GLY B 49 -12.10 29.60 -23.15
N MET B 50 -12.87 29.24 -22.14
CA MET B 50 -12.91 30.01 -20.92
C MET B 50 -12.73 29.08 -19.74
N ASN B 51 -12.10 29.58 -18.69
CA ASN B 51 -12.03 28.84 -17.45
C ASN B 51 -13.35 28.95 -16.70
N VAL B 52 -13.89 27.82 -16.28
CA VAL B 52 -15.13 27.82 -15.52
C VAL B 52 -14.81 27.55 -14.04
N LYS B 53 -15.35 28.38 -13.16
CA LYS B 53 -15.14 28.23 -11.73
C LYS B 53 -16.05 27.14 -11.21
N LYS B 54 -15.46 26.08 -10.67
CA LYS B 54 -16.23 25.01 -10.08
C LYS B 54 -15.75 24.76 -8.66
N CYS B 55 -16.31 23.75 -8.00
CA CYS B 55 -15.95 23.36 -6.64
C CYS B 55 -15.60 21.88 -6.61
N CYS B 56 -14.55 21.55 -5.88
CA CYS B 56 -14.07 20.17 -5.81
C CYS B 56 -14.05 19.70 -4.36
N LYS B 57 -14.36 18.42 -4.16
CA LYS B 57 -14.28 17.83 -2.84
C LYS B 57 -13.93 16.35 -2.97
N GLY B 58 -13.70 15.69 -1.84
CA GLY B 58 -13.46 14.26 -1.85
C GLY B 58 -12.24 13.89 -1.06
N PHE B 59 -11.93 12.61 -1.03
CA PHE B 59 -10.81 12.07 -0.24
C PHE B 59 -9.50 12.81 -0.54
N CYS B 60 -9.17 12.96 -1.83
CA CYS B 60 -7.92 13.61 -2.21
C CYS B 60 -7.93 15.10 -1.96
N ILE B 61 -9.11 15.70 -2.01
CA ILE B 61 -9.23 17.13 -1.73
C ILE B 61 -9.02 17.38 -0.24
N ASP B 62 -9.56 16.50 0.61
CA ASP B 62 -9.25 16.62 2.04
C ASP B 62 -7.75 16.45 2.27
N ILE B 63 -7.12 15.51 1.56
CA ILE B 63 -5.66 15.38 1.60
C ILE B 63 -4.99 16.68 1.21
N LEU B 64 -5.41 17.29 0.10
CA LEU B 64 -4.80 18.54 -0.35
C LEU B 64 -4.93 19.66 0.68
N LYS B 65 -6.11 19.76 1.31
CA LYS B 65 -6.34 20.84 2.25
C LYS B 65 -5.42 20.69 3.47
N LYS B 66 -5.20 19.45 3.88
CA LYS B 66 -4.34 19.17 5.02
C LYS B 66 -2.89 19.46 4.68
N LEU B 67 -2.48 19.12 3.48
CA LEU B 67 -1.11 19.36 3.04
C LEU B 67 -0.87 20.85 2.92
N SER B 68 -1.85 21.55 2.36
CA SER B 68 -1.81 23.00 2.28
C SER B 68 -1.53 23.63 3.65
N ARG B 69 -2.19 23.11 4.68
CA ARG B 69 -2.02 23.64 6.03
C ARG B 69 -0.67 23.29 6.68
N THR B 70 -0.26 22.02 6.63
CA THR B 70 0.98 21.67 7.34
C THR B 70 2.26 21.97 6.58
N VAL B 71 2.20 21.93 5.25
CA VAL B 71 3.37 22.20 4.43
C VAL B 71 3.43 23.70 4.12
N LYS B 72 2.31 24.38 4.33
CA LYS B 72 2.21 25.84 4.22
C LYS B 72 2.36 26.36 2.79
N PHE B 73 1.37 26.06 1.95
CA PHE B 73 1.33 26.65 0.62
C PHE B 73 -0.11 26.99 0.29
N THR B 74 -0.31 27.86 -0.70
CA THR B 74 -1.64 28.09 -1.23
C THR B 74 -1.60 27.53 -2.65
N TYR B 75 -2.77 27.43 -3.29
CA TYR B 75 -2.81 26.79 -4.59
C TYR B 75 -3.93 27.30 -5.47
N ASP B 76 -3.76 27.06 -6.77
CA ASP B 76 -4.75 27.34 -7.78
C ASP B 76 -4.97 25.97 -8.42
N LEU B 77 -6.07 25.33 -8.04
CA LEU B 77 -6.37 23.97 -8.49
C LEU B 77 -7.15 23.99 -9.81
N TYR B 78 -6.68 23.23 -10.80
CA TYR B 78 -7.45 23.09 -12.04
C TYR B 78 -7.63 21.63 -12.45
N LEU B 79 -8.67 21.38 -13.24
CA LEU B 79 -8.98 20.05 -13.74
C LEU B 79 -8.31 19.88 -15.10
N VAL B 80 -7.61 18.77 -15.28
CA VAL B 80 -6.91 18.52 -16.53
C VAL B 80 -7.93 18.33 -17.66
N THR B 81 -7.59 18.82 -18.85
CA THR B 81 -8.48 18.67 -20.00
C THR B 81 -7.78 18.04 -21.19
N ASN B 82 -6.48 17.80 -21.03
CA ASN B 82 -5.67 17.13 -22.04
C ASN B 82 -5.42 15.70 -21.59
N GLY B 83 -6.37 14.81 -21.87
CA GLY B 83 -6.25 13.43 -21.44
C GLY B 83 -6.76 13.27 -20.01
N LYS B 84 -6.41 12.16 -19.38
CA LYS B 84 -6.93 11.88 -18.04
C LYS B 84 -5.82 11.71 -17.00
N HIS B 85 -5.61 10.51 -16.49
CA HIS B 85 -4.60 10.33 -15.45
C HIS B 85 -3.19 10.52 -16.01
N GLY B 86 -2.91 9.87 -17.13
CA GLY B 86 -1.59 9.96 -17.74
C GLY B 86 -1.24 8.81 -18.68
N LYS B 87 -1.00 9.15 -19.95
CA LYS B 87 -0.53 8.17 -20.92
C LYS B 87 0.53 8.81 -21.80
N LYS B 88 1.57 8.04 -22.13
CA LYS B 88 2.58 8.53 -23.06
C LYS B 88 2.13 8.19 -24.47
N VAL B 89 1.90 9.21 -25.28
CA VAL B 89 1.39 9.04 -26.63
C VAL B 89 2.39 9.66 -27.60
N ASN B 90 2.89 8.86 -28.54
CA ASN B 90 3.92 9.33 -29.47
C ASN B 90 5.06 10.02 -28.74
N ASN B 91 5.49 9.40 -27.65
CA ASN B 91 6.59 9.87 -26.80
C ASN B 91 6.30 11.17 -26.05
N VAL B 92 5.03 11.53 -25.92
CA VAL B 92 4.66 12.74 -25.18
C VAL B 92 3.57 12.39 -24.14
N TRP B 93 3.88 12.64 -22.87
CA TRP B 93 2.93 12.37 -21.78
C TRP B 93 1.77 13.33 -21.77
N ASN B 94 0.55 12.80 -21.69
CA ASN B 94 -0.65 13.63 -21.51
C ASN B 94 -1.22 13.48 -20.09
N GLY B 95 -2.42 14.02 -19.87
CA GLY B 95 -3.09 13.84 -18.58
C GLY B 95 -2.39 14.54 -17.43
N MET B 96 -2.74 14.19 -16.19
CA MET B 96 -2.12 14.83 -15.04
C MET B 96 -0.60 14.69 -15.06
N ILE B 97 -0.12 13.51 -15.41
CA ILE B 97 1.34 13.31 -15.53
C ILE B 97 1.96 14.34 -16.51
N GLY B 98 1.33 14.52 -17.66
CA GLY B 98 1.83 15.48 -18.63
C GLY B 98 1.90 16.91 -18.11
N GLU B 99 0.88 17.30 -17.33
CA GLU B 99 0.85 18.65 -16.77
C GLU B 99 2.05 18.90 -15.86
N VAL B 100 2.44 17.87 -15.11
CA VAL B 100 3.56 17.99 -14.19
C VAL B 100 4.87 17.95 -14.98
N VAL B 101 5.01 16.97 -15.86
CA VAL B 101 6.21 16.83 -16.69
C VAL B 101 6.55 18.13 -17.43
N TYR B 102 5.52 18.77 -17.97
CA TYR B 102 5.70 19.96 -18.79
C TYR B 102 5.52 21.26 -17.98
N GLN B 103 5.57 21.12 -16.65
CA GLN B 103 5.69 22.26 -15.73
C GLN B 103 4.51 23.22 -15.72
N ARG B 104 3.35 22.72 -16.11
CA ARG B 104 2.10 23.47 -16.05
C ARG B 104 1.55 23.40 -14.62
N ALA B 105 1.95 22.35 -13.91
CA ALA B 105 1.50 22.12 -12.55
C ALA B 105 2.69 21.70 -11.73
N VAL B 106 2.75 22.23 -10.51
CA VAL B 106 3.79 21.87 -9.55
C VAL B 106 3.54 20.47 -8.97
N MET B 107 2.26 20.12 -8.87
CA MET B 107 1.89 18.80 -8.39
C MET B 107 0.55 18.34 -8.96
N ALA B 108 0.32 17.04 -8.93
CA ALA B 108 -0.94 16.47 -9.40
C ALA B 108 -1.50 15.71 -8.23
N VAL B 109 -2.77 15.96 -7.89
CA VAL B 109 -3.43 15.31 -6.77
C VAL B 109 -4.74 14.66 -7.26
N GLY B 110 -4.90 13.38 -7.01
CA GLY B 110 -6.09 12.70 -7.45
C GLY B 110 -5.87 11.21 -7.32
N SER B 111 -6.65 10.45 -8.08
CA SER B 111 -6.57 9.00 -8.05
C SER B 111 -5.50 8.56 -9.02
N LEU B 112 -4.27 9.02 -8.76
CA LEU B 112 -3.15 8.85 -9.67
C LEU B 112 -2.24 7.71 -9.24
N THR B 113 -2.22 6.64 -10.02
CA THR B 113 -1.51 5.43 -9.64
C THR B 113 0.00 5.55 -9.86
N ILE B 114 0.77 5.18 -8.83
CA ILE B 114 2.22 5.16 -8.94
C ILE B 114 2.62 3.95 -9.78
N ASN B 115 3.38 4.16 -10.85
CA ASN B 115 4.01 3.02 -11.49
C ASN B 115 5.42 3.37 -11.94
N GLU B 116 6.13 2.38 -12.46
CA GLU B 116 7.54 2.55 -12.80
C GLU B 116 7.76 3.56 -13.93
N GLU B 117 6.98 3.45 -15.02
CA GLU B 117 7.20 4.36 -16.15
C GLU B 117 6.87 5.82 -15.82
N ARG B 118 5.89 6.05 -14.97
CA ARG B 118 5.58 7.41 -14.54
C ARG B 118 6.71 7.94 -13.66
N SER B 119 7.27 7.07 -12.83
CA SER B 119 8.29 7.48 -11.87
C SER B 119 9.59 7.88 -12.57
N GLU B 120 9.71 7.51 -13.84
CA GLU B 120 10.86 7.90 -14.62
C GLU B 120 10.76 9.37 -15.02
N VAL B 121 9.55 9.91 -15.10
CA VAL B 121 9.39 11.30 -15.53
C VAL B 121 8.87 12.28 -14.47
N VAL B 122 8.32 11.75 -13.37
CA VAL B 122 7.92 12.60 -12.25
C VAL B 122 8.36 11.94 -10.96
N ASP B 123 8.43 12.70 -9.88
CA ASP B 123 8.63 12.10 -8.57
C ASP B 123 7.26 11.84 -7.95
N PHE B 124 7.11 10.73 -7.22
CA PHE B 124 5.88 10.52 -6.47
C PHE B 124 6.14 10.65 -4.99
N SER B 125 5.15 11.16 -4.27
CA SER B 125 5.20 11.10 -2.82
C SER B 125 5.09 9.64 -2.39
N VAL B 126 5.22 9.38 -1.10
CA VAL B 126 4.82 8.10 -0.55
C VAL B 126 3.36 7.88 -0.94
N PRO B 127 2.98 6.62 -1.16
CA PRO B 127 1.58 6.32 -1.49
C PRO B 127 0.67 6.69 -0.31
N PHE B 128 -0.51 7.22 -0.59
CA PHE B 128 -1.39 7.62 0.51
C PHE B 128 -2.73 6.89 0.50
N VAL B 129 -2.99 6.12 -0.55
CA VAL B 129 -4.10 5.17 -0.63
C VAL B 129 -3.56 3.89 -1.24
N GLU B 130 -3.86 2.73 -0.67
CA GLU B 130 -3.48 1.48 -1.29
C GLU B 130 -4.31 1.28 -2.56
N THR B 131 -3.67 0.81 -3.62
CA THR B 131 -4.44 0.41 -4.79
C THR B 131 -3.62 -0.57 -5.63
N GLY B 132 -4.16 -0.92 -6.79
CA GLY B 132 -3.49 -1.84 -7.67
C GLY B 132 -4.54 -2.26 -8.68
N ILE B 133 -4.45 -3.49 -9.16
CA ILE B 133 -5.42 -3.91 -10.16
C ILE B 133 -6.35 -4.98 -9.59
N SER B 134 -7.65 -4.70 -9.59
CA SER B 134 -8.63 -5.70 -9.15
C SER B 134 -9.57 -6.10 -10.29
N VAL B 135 -10.48 -7.02 -9.99
CA VAL B 135 -11.39 -7.56 -10.96
C VAL B 135 -12.76 -7.56 -10.32
N MET B 136 -13.73 -6.97 -11.01
N MET B 136 -13.73 -6.99 -11.03
CA MET B 136 -15.10 -6.95 -10.50
CA MET B 136 -15.10 -6.99 -10.54
C MET B 136 -15.97 -7.87 -11.36
C MET B 136 -15.96 -7.92 -11.38
N VAL B 137 -16.83 -8.65 -10.71
CA VAL B 137 -17.72 -9.57 -11.42
C VAL B 137 -19.10 -9.51 -10.78
N SER B 138 -20.09 -10.13 -11.40
CA SER B 138 -21.38 -10.35 -10.74
C SER B 138 -21.22 -11.54 -9.81
N ARG B 139 -21.83 -11.46 -8.63
CA ARG B 139 -21.69 -12.51 -7.62
C ARG B 139 -21.96 -13.87 -8.25
N GLY B 140 -21.08 -14.84 -7.99
CA GLY B 140 -21.18 -16.14 -8.62
C GLY B 140 -20.05 -16.44 -9.60
N THR B 141 -19.69 -15.46 -10.42
CA THR B 141 -18.62 -15.65 -11.42
C THR B 141 -17.29 -16.00 -10.75
N GLN B 142 -16.65 -17.06 -11.23
CA GLN B 142 -15.40 -17.54 -10.65
C GLN B 142 -14.18 -17.14 -11.49
N VAL B 143 -13.32 -16.29 -10.91
CA VAL B 143 -11.99 -16.02 -11.45
C VAL B 143 -11.10 -15.73 -10.24
N THR B 144 -9.78 -15.85 -10.39
CA THR B 144 -8.85 -15.71 -9.26
C THR B 144 -8.24 -14.33 -9.16
N GLY B 145 -7.99 -13.73 -10.32
CA GLY B 145 -7.40 -12.41 -10.37
C GLY B 145 -6.85 -12.22 -11.76
N LEU B 146 -6.14 -11.11 -11.98
CA LEU B 146 -5.66 -10.74 -13.31
C LEU B 146 -4.93 -11.92 -13.93
N SER B 147 -4.01 -12.49 -13.16
CA SER B 147 -3.11 -13.53 -13.65
C SER B 147 -3.82 -14.83 -14.02
N ASP B 148 -5.12 -14.91 -13.76
CA ASP B 148 -5.90 -16.10 -14.08
C ASP B 148 -5.82 -16.45 -15.56
N LYS B 149 -5.74 -17.76 -15.84
CA LYS B 149 -5.69 -18.24 -17.23
C LYS B 149 -6.97 -17.98 -18.03
N LYS B 150 -8.07 -17.73 -17.34
CA LYS B 150 -9.34 -17.38 -18.02
C LYS B 150 -9.22 -16.01 -18.72
N PHE B 151 -8.33 -15.19 -18.21
CA PHE B 151 -8.01 -13.94 -18.86
C PHE B 151 -6.82 -14.08 -19.80
N GLN B 152 -5.81 -14.85 -19.38
CA GLN B 152 -4.56 -14.96 -20.14
C GLN B 152 -4.71 -15.67 -21.48
N ARG B 153 -5.58 -16.68 -21.53
CA ARG B 153 -5.83 -17.44 -22.75
C ARG B 153 -7.32 -17.56 -23.02
N PRO B 154 -8.01 -16.42 -23.22
CA PRO B 154 -9.48 -16.36 -23.24
C PRO B 154 -10.15 -17.27 -24.27
N HIS B 155 -9.43 -17.73 -25.28
CA HIS B 155 -10.04 -18.64 -26.25
C HIS B 155 -9.90 -20.12 -25.85
N ASP B 156 -9.09 -20.38 -24.83
CA ASP B 156 -9.29 -21.56 -23.99
C ASP B 156 -10.53 -21.15 -23.17
N TYR B 157 -11.24 -22.13 -22.61
CA TYR B 157 -12.56 -21.90 -21.98
C TYR B 157 -13.63 -21.55 -23.01
N SER B 158 -14.75 -22.29 -22.96
CA SER B 158 -15.90 -22.02 -23.82
C SER B 158 -17.13 -21.76 -22.95
N PRO B 159 -17.87 -20.69 -23.23
CA PRO B 159 -17.63 -19.65 -24.26
C PRO B 159 -16.54 -18.66 -23.82
N PRO B 160 -16.05 -17.81 -24.74
CA PRO B 160 -14.99 -16.87 -24.35
C PRO B 160 -15.47 -15.85 -23.33
N PHE B 161 -14.71 -15.68 -22.26
CA PHE B 161 -15.03 -14.73 -21.20
C PHE B 161 -15.00 -13.31 -21.77
N ARG B 162 -15.99 -12.50 -21.39
CA ARG B 162 -16.08 -11.11 -21.85
C ARG B 162 -15.58 -10.17 -20.74
N PHE B 163 -14.46 -9.49 -20.99
CA PHE B 163 -13.89 -8.64 -19.95
C PHE B 163 -13.13 -7.49 -20.60
N GLY B 164 -13.08 -6.37 -19.90
CA GLY B 164 -12.50 -5.16 -20.43
C GLY B 164 -12.09 -4.24 -19.29
N THR B 165 -11.42 -3.13 -19.64
CA THR B 165 -11.04 -2.09 -18.70
C THR B 165 -11.43 -0.73 -19.29
N VAL B 166 -11.11 0.36 -18.60
CA VAL B 166 -11.19 1.69 -19.19
C VAL B 166 -9.81 1.99 -19.77
N PRO B 167 -9.72 2.25 -21.09
CA PRO B 167 -8.40 2.34 -21.71
C PRO B 167 -7.57 3.53 -21.22
N ASN B 168 -6.27 3.46 -21.47
CA ASN B 168 -5.34 4.60 -21.38
C ASN B 168 -4.85 4.98 -20.00
N GLY B 169 -5.20 4.17 -19.00
CA GLY B 169 -4.65 4.39 -17.67
C GLY B 169 -3.62 3.35 -17.28
N SER B 170 -3.27 3.30 -15.99
CA SER B 170 -2.20 2.41 -15.52
C SER B 170 -2.60 0.94 -15.68
N THR B 171 -3.88 0.65 -15.56
CA THR B 171 -4.33 -0.73 -15.70
C THR B 171 -4.11 -1.25 -17.10
N GLU B 172 -4.55 -0.53 -18.12
CA GLU B 172 -4.32 -1.02 -19.49
C GLU B 172 -2.81 -1.11 -19.77
N ARG B 173 -2.06 -0.17 -19.21
CA ARG B 173 -0.61 -0.11 -19.46
C ARG B 173 0.04 -1.37 -18.90
N ASN B 174 -0.41 -1.80 -17.72
CA ASN B 174 0.10 -3.01 -17.10
C ASN B 174 -0.24 -4.27 -17.91
N ILE B 175 -1.49 -4.41 -18.31
CA ILE B 175 -1.91 -5.56 -19.10
C ILE B 175 -1.19 -5.61 -20.47
N ARG B 176 -1.12 -4.46 -21.16
CA ARG B 176 -0.39 -4.37 -22.43
C ARG B 176 1.06 -4.89 -22.30
N ASN B 177 1.74 -4.47 -21.23
CA ASN B 177 3.11 -4.92 -20.98
C ASN B 177 3.24 -6.40 -20.58
N ASN B 178 2.31 -6.89 -19.76
CA ASN B 178 2.46 -8.23 -19.17
C ASN B 178 1.85 -9.37 -19.97
N TYR B 179 0.74 -9.09 -20.65
CA TYR B 179 -0.07 -10.17 -21.22
C TYR B 179 -0.57 -9.74 -22.58
N PRO B 180 0.29 -9.88 -23.60
CA PRO B 180 -0.06 -9.27 -24.90
C PRO B 180 -1.33 -9.84 -25.49
N TYR B 181 -1.55 -11.15 -25.38
CA TYR B 181 -2.75 -11.74 -25.96
C TYR B 181 -4.01 -11.27 -25.25
N MET B 182 -3.99 -11.35 -23.92
CA MET B 182 -5.10 -10.83 -23.12
C MET B 182 -5.40 -9.39 -23.50
N HIS B 183 -4.35 -8.60 -23.66
CA HIS B 183 -4.54 -7.18 -23.97
C HIS B 183 -5.26 -6.93 -25.31
N GLN B 184 -4.82 -7.59 -26.37
CA GLN B 184 -5.45 -7.35 -27.67
C GLN B 184 -6.86 -7.92 -27.72
N TYR B 185 -7.12 -8.95 -26.91
CA TYR B 185 -8.46 -9.53 -26.81
C TYR B 185 -9.43 -8.58 -26.10
N MET B 186 -8.95 -7.83 -25.11
CA MET B 186 -9.81 -6.94 -24.32
C MET B 186 -10.30 -5.71 -25.04
N THR B 187 -9.56 -5.30 -26.07
CA THR B 187 -9.85 -4.03 -26.74
C THR B 187 -11.31 -4.01 -27.17
N ARG B 188 -11.81 -5.16 -27.60
CA ARG B 188 -13.19 -5.30 -28.01
C ARG B 188 -14.13 -4.88 -26.89
N PHE B 189 -13.70 -5.07 -25.65
CA PHE B 189 -14.56 -4.78 -24.51
C PHE B 189 -14.17 -3.53 -23.74
N ASN B 190 -13.26 -2.71 -24.28
CA ASN B 190 -12.95 -1.40 -23.69
C ASN B 190 -14.23 -0.65 -23.30
N GLN B 191 -14.24 -0.04 -22.12
CA GLN B 191 -15.39 0.72 -21.64
C GLN B 191 -15.04 2.21 -21.58
N ARG B 192 -15.98 3.07 -21.96
CA ARG B 192 -15.70 4.51 -21.98
C ARG B 192 -15.41 5.05 -20.59
N GLY B 193 -16.00 4.42 -19.58
CA GLY B 193 -15.85 4.88 -18.21
C GLY B 193 -16.35 3.83 -17.24
N VAL B 194 -16.11 4.08 -15.96
CA VAL B 194 -16.46 3.12 -14.92
C VAL B 194 -17.97 2.90 -14.87
N GLU B 195 -18.74 3.99 -15.00
CA GLU B 195 -20.19 3.88 -14.96
C GLU B 195 -20.74 2.98 -16.06
N ASP B 196 -20.27 3.16 -17.29
CA ASP B 196 -20.65 2.29 -18.40
C ASP B 196 -20.34 0.82 -18.08
N ALA B 197 -19.14 0.59 -17.56
CA ALA B 197 -18.68 -0.76 -17.26
C ALA B 197 -19.57 -1.43 -16.22
N LEU B 198 -19.93 -0.70 -15.17
CA LEU B 198 -20.77 -1.26 -14.11
C LEU B 198 -22.16 -1.64 -14.65
N VAL B 199 -22.72 -0.80 -15.52
CA VAL B 199 -23.97 -1.14 -16.20
C VAL B 199 -23.81 -2.39 -17.08
N SER B 200 -22.72 -2.45 -17.84
CA SER B 200 -22.44 -3.59 -18.70
CA SER B 200 -22.45 -3.59 -18.71
C SER B 200 -22.41 -4.89 -17.89
N LEU B 201 -21.76 -4.83 -16.72
CA LEU B 201 -21.72 -5.99 -15.82
C LEU B 201 -23.10 -6.41 -15.32
N LYS B 202 -23.85 -5.44 -14.79
CA LYS B 202 -25.11 -5.75 -14.12
C LYS B 202 -26.16 -6.28 -15.07
N THR B 203 -26.01 -5.97 -16.35
CA THR B 203 -26.99 -6.41 -17.34
C THR B 203 -26.48 -7.57 -18.19
N GLY B 204 -25.42 -8.22 -17.72
CA GLY B 204 -24.88 -9.41 -18.38
C GLY B 204 -24.21 -9.23 -19.73
N LYS B 205 -23.74 -8.03 -20.02
CA LYS B 205 -23.08 -7.79 -21.31
C LYS B 205 -21.59 -8.00 -21.13
N LEU B 206 -21.17 -8.01 -19.88
CA LEU B 206 -19.77 -8.16 -19.54
C LEU B 206 -19.66 -9.18 -18.41
N ASP B 207 -18.58 -9.96 -18.39
CA ASP B 207 -18.38 -10.96 -17.34
C ASP B 207 -17.47 -10.45 -16.22
N ALA B 208 -16.54 -9.57 -16.57
CA ALA B 208 -15.63 -9.02 -15.59
C ALA B 208 -15.15 -7.67 -16.06
N PHE B 209 -14.89 -6.80 -15.09
CA PHE B 209 -14.36 -5.47 -15.34
C PHE B 209 -13.03 -5.38 -14.58
N ILE B 210 -11.94 -5.14 -15.32
CA ILE B 210 -10.63 -5.09 -14.69
C ILE B 210 -10.25 -3.62 -14.53
N TYR B 211 -9.95 -3.19 -13.29
CA TYR B 211 -9.76 -1.76 -13.03
C TYR B 211 -9.07 -1.49 -11.71
N ASP B 212 -8.69 -0.23 -11.51
CA ASP B 212 -8.12 0.26 -10.26
C ASP B 212 -8.84 -0.31 -9.03
N ALA B 213 -8.09 -0.85 -8.07
CA ALA B 213 -8.68 -1.51 -6.92
C ALA B 213 -9.46 -0.58 -5.99
N ALA B 214 -8.87 0.57 -5.69
CA ALA B 214 -9.49 1.51 -4.77
C ALA B 214 -10.85 1.98 -5.30
N VAL B 215 -10.98 2.17 -6.61
CA VAL B 215 -12.27 2.57 -7.14
C VAL B 215 -13.25 1.39 -7.17
N LEU B 216 -12.79 0.22 -7.65
CA LEU B 216 -13.66 -0.96 -7.66
C LEU B 216 -14.18 -1.32 -6.27
N ASN B 217 -13.34 -1.21 -5.24
CA ASN B 217 -13.76 -1.57 -3.89
C ASN B 217 -14.83 -0.63 -3.39
N TYR B 218 -14.63 0.67 -3.64
CA TYR B 218 -15.62 1.68 -3.33
C TYR B 218 -16.95 1.43 -4.01
N LYS B 219 -16.90 1.09 -5.31
CA LYS B 219 -18.10 0.85 -6.10
C LYS B 219 -18.85 -0.41 -5.65
N ALA B 220 -18.10 -1.46 -5.32
CA ALA B 220 -18.70 -2.69 -4.79
C ALA B 220 -19.41 -2.38 -3.48
N GLY B 221 -18.77 -1.55 -2.66
CA GLY B 221 -19.33 -1.14 -1.38
C GLY B 221 -20.68 -0.44 -1.45
N ARG B 222 -21.04 0.11 -2.59
CA ARG B 222 -22.34 0.75 -2.69
C ARG B 222 -23.22 0.31 -3.85
N ASP B 223 -22.88 -0.82 -4.46
CA ASP B 223 -23.69 -1.36 -5.54
C ASP B 223 -25.10 -1.70 -5.02
N GLU B 224 -26.12 -1.17 -5.69
CA GLU B 224 -27.51 -1.46 -5.32
C GLU B 224 -27.80 -2.96 -5.37
N GLY B 225 -28.17 -3.53 -4.21
CA GLY B 225 -28.41 -4.95 -4.11
C GLY B 225 -27.17 -5.75 -3.80
N CYS B 226 -26.01 -5.07 -3.77
CA CYS B 226 -24.73 -5.73 -3.51
C CYS B 226 -24.48 -6.94 -4.40
N LYS B 227 -24.74 -6.80 -5.69
CA LYS B 227 -24.51 -7.89 -6.65
C LYS B 227 -23.10 -7.86 -7.24
N LEU B 228 -22.51 -6.67 -7.35
CA LEU B 228 -21.15 -6.55 -7.90
C LEU B 228 -20.12 -6.70 -6.80
N VAL B 229 -19.17 -7.61 -7.00
CA VAL B 229 -18.14 -7.85 -5.99
C VAL B 229 -16.75 -7.89 -6.62
N THR B 230 -15.73 -7.63 -5.82
CA THR B 230 -14.37 -7.72 -6.32
C THR B 230 -13.81 -9.09 -5.94
N ILE B 231 -13.01 -9.65 -6.84
CA ILE B 231 -12.45 -10.98 -6.70
C ILE B 231 -11.56 -11.09 -5.47
N GLY B 232 -11.61 -12.25 -4.81
CA GLY B 232 -10.73 -12.55 -3.68
C GLY B 232 -10.88 -11.58 -2.53
N TYR B 235 -9.17 -9.00 -3.70
CA TYR B 235 -7.76 -9.21 -4.04
C TYR B 235 -7.19 -8.08 -4.91
N ILE B 236 -5.86 -7.89 -4.84
CA ILE B 236 -5.17 -6.87 -5.63
C ILE B 236 -3.85 -7.37 -6.28
N PHE B 237 -3.74 -7.24 -7.60
CA PHE B 237 -2.49 -7.52 -8.31
C PHE B 237 -1.71 -6.21 -8.52
N ALA B 238 -0.37 -6.29 -8.50
CA ALA B 238 0.48 -5.11 -8.68
C ALA B 238 0.13 -4.00 -7.69
N THR B 239 0.20 -4.32 -6.41
CA THR B 239 -0.16 -3.37 -5.37
C THR B 239 0.79 -2.20 -5.41
N THR B 240 0.23 -1.01 -5.52
CA THR B 240 0.99 0.20 -5.46
C THR B 240 0.02 1.15 -4.77
N GLY B 241 0.17 2.43 -4.96
CA GLY B 241 -0.77 3.33 -4.34
C GLY B 241 -1.08 4.47 -5.28
N TYR B 242 -1.96 5.34 -4.81
CA TYR B 242 -2.06 6.66 -5.38
C TYR B 242 -0.93 7.44 -4.75
N GLY B 243 -0.28 8.27 -5.55
CA GLY B 243 0.76 9.16 -5.04
C GLY B 243 0.53 10.55 -5.56
N ILE B 244 1.05 11.53 -4.86
CA ILE B 244 1.09 12.86 -5.43
C ILE B 244 2.29 12.94 -6.35
N ALA B 245 2.04 13.39 -7.58
CA ALA B 245 3.12 13.54 -8.54
C ALA B 245 3.69 14.96 -8.45
N LEU B 246 5.01 15.06 -8.42
CA LEU B 246 5.71 16.33 -8.36
C LEU B 246 6.78 16.32 -9.44
N GLN B 247 7.25 17.49 -9.86
CA GLN B 247 8.30 17.51 -10.88
C GLN B 247 9.56 16.86 -10.32
N LYS B 248 10.36 16.25 -11.18
CA LYS B 248 11.63 15.67 -10.78
C LYS B 248 12.47 16.66 -10.01
N GLY B 249 12.99 16.23 -8.85
CA GLY B 249 13.84 17.09 -8.04
C GLY B 249 13.11 18.17 -7.26
N SER B 250 11.78 18.08 -7.21
CA SER B 250 10.96 19.09 -6.53
C SER B 250 11.33 19.31 -5.07
N PRO B 251 11.44 20.59 -4.67
CA PRO B 251 11.74 21.04 -3.31
C PRO B 251 10.60 20.74 -2.35
N TRP B 252 9.40 20.50 -2.86
CA TRP B 252 8.25 20.21 -2.03
C TRP B 252 8.13 18.74 -1.60
N LYS B 253 8.81 17.84 -2.31
CA LYS B 253 8.58 16.40 -2.08
C LYS B 253 8.83 15.94 -0.65
N ARG B 254 9.93 16.39 -0.04
CA ARG B 254 10.25 15.96 1.32
C ARG B 254 9.18 16.32 2.35
N GLN B 255 8.76 17.59 2.40
CA GLN B 255 7.72 17.97 3.36
C GLN B 255 6.37 17.30 3.09
N ILE B 256 6.05 17.12 1.82
CA ILE B 256 4.81 16.42 1.49
C ILE B 256 4.82 14.98 2.00
N ASP B 257 5.92 14.25 1.77
CA ASP B 257 6.11 12.89 2.31
C ASP B 257 5.97 12.87 3.83
N LEU B 258 6.72 13.75 4.50
CA LEU B 258 6.67 13.78 5.96
C LEU B 258 5.25 14.10 6.46
N ALA B 259 4.54 14.96 5.77
CA ALA B 259 3.20 15.35 6.24
C ALA B 259 2.21 14.19 6.09
N LEU B 260 2.28 13.50 4.95
CA LEU B 260 1.42 12.33 4.71
C LEU B 260 1.65 11.24 5.76
N LEU B 261 2.91 11.00 6.09
CA LEU B 261 3.25 10.00 7.11
C LEU B 261 2.80 10.46 8.50
N GLN B 262 2.90 11.77 8.77
CA GLN B 262 2.33 12.37 9.98
C GLN B 262 0.84 12.07 10.08
N PHE B 263 0.12 12.23 8.97
CA PHE B 263 -1.31 11.93 8.94
C PHE B 263 -1.57 10.47 9.29
N VAL B 264 -0.79 9.57 8.70
CA VAL B 264 -0.86 8.15 9.05
C VAL B 264 -0.65 7.97 10.56
N GLY B 265 0.44 8.55 11.06
CA GLY B 265 0.81 8.40 12.47
C GLY B 265 -0.22 8.93 13.45
N ASP B 266 -0.96 9.97 13.06
CA ASP B 266 -1.99 10.53 13.93
C ASP B 266 -3.38 9.94 13.72
N GLY B 267 -3.47 8.83 12.98
CA GLY B 267 -4.75 8.16 12.79
C GLY B 267 -5.65 8.83 11.77
N GLU B 268 -5.19 9.92 11.17
CA GLU B 268 -6.04 10.69 10.25
C GLU B 268 -6.31 10.03 8.90
N MET B 269 -5.37 9.24 8.40
CA MET B 269 -5.58 8.52 7.16
C MET B 269 -6.67 7.45 7.37
N GLU B 270 -6.58 6.74 8.49
CA GLU B 270 -7.60 5.74 8.84
C GLU B 270 -8.97 6.40 8.92
N GLU B 271 -9.02 7.60 9.49
CA GLU B 271 -10.28 8.32 9.62
C GLU B 271 -10.84 8.71 8.26
N LEU B 272 -9.99 9.32 7.43
CA LEU B 272 -10.39 9.73 6.08
C LEU B 272 -10.93 8.56 5.27
N GLU B 273 -10.30 7.39 5.42
CA GLU B 273 -10.70 6.21 4.66
C GLU B 273 -12.10 5.75 5.05
N THR B 274 -12.36 5.69 6.34
CA THR B 274 -13.70 5.31 6.78
C THR B 274 -14.71 6.41 6.42
N LEU B 275 -14.26 7.65 6.34
CA LEU B 275 -15.19 8.74 5.99
C LEU B 275 -15.67 8.66 4.54
N TRP B 276 -14.74 8.48 3.61
CA TRP B 276 -15.07 8.59 2.19
C TRP B 276 -15.26 7.25 1.50
N LEU B 277 -14.66 6.21 2.05
CA LEU B 277 -14.57 4.94 1.33
C LEU B 277 -15.37 3.80 1.95
N THR B 278 -16.09 4.10 3.03
CA THR B 278 -16.90 3.09 3.72
C THR B 278 -18.03 2.58 2.83
N GLY B 279 -18.17 1.26 2.76
CA GLY B 279 -19.25 0.65 2.00
C GLY B 279 -20.31 -0.01 2.86
N ILE B 280 -21.53 -0.08 2.31
CA ILE B 280 -22.66 -0.73 2.97
C ILE B 280 -22.62 -2.22 2.69
N CYS B 281 -22.15 -2.59 1.50
CA CYS B 281 -21.95 -3.99 1.18
C CYS B 281 -20.65 -4.47 1.82
O1 2JK C . 9.04 -1.74 11.95
C2 2JK C . 8.67 -2.07 13.10
O2 2JK C . 8.90 -1.33 14.09
C1 2JK C . 7.90 -3.34 13.28
N1 2JK C . 7.70 -4.21 12.27
C10 2JK C . 6.99 -5.37 12.42
C9 2JK C . 6.83 -6.21 11.28
C8 2JK C . 6.13 -7.41 11.36
CL2 2JK C . 5.98 -8.28 10.14
C7 2JK C . 5.55 -7.76 12.60
C6 2JK C . 5.68 -6.96 13.74
CL1 2JK C . 4.99 -7.47 14.98
C5 2JK C . 6.42 -5.72 13.64
C4 2JK C . 6.63 -4.79 14.73
O3 2JK C . 6.18 -4.94 16.03
C3 2JK C . 7.37 -3.61 14.53
N GLU D . -5.69 5.31 -11.35
CA GLU D . -5.40 4.91 -12.74
C GLU D . -4.24 5.72 -13.31
O GLU D . -3.60 6.51 -12.59
CB GLU D . -6.63 5.10 -13.63
CG GLU D . -7.59 3.91 -13.63
CD GLU D . -6.91 2.62 -14.06
OE1 GLU D . -6.93 1.63 -13.30
OE2 GLU D . -6.34 2.60 -15.17
OXT GLU D . -3.93 5.60 -14.50
#